data_1DVP
#
_entry.id   1DVP
#
_cell.length_a   116.706
_cell.length_b   69.665
_cell.length_c   41.799
_cell.angle_alpha   90.00
_cell.angle_beta   94.77
_cell.angle_gamma   90.00
#
_symmetry.space_group_name_H-M   'C 1 2 1'
#
loop_
_entity.id
_entity.type
_entity.pdbx_description
1 polymer 'HEPATOCYTE GROWTH FACTOR-REGULATED TYROSINE KINASE SUBSTRATE'
2 non-polymer 'ZINC ION'
3 non-polymer 'CITRIC ACID'
4 water water
#
_entity_poly.entity_id   1
_entity_poly.type   'polypeptide(L)'
_entity_poly.pdbx_seq_one_letter_code
;MFRSSFCKNLENATSHLRLEPDWPSILLICDEINQKDVTPKNAFAAIKKKMNSPNPHSSCYSLLVLESIVKNCGAPVHEE
VFTKENCEMFSSFLESTPHENVRQKMLELVQTWAYAFRSSDKYQAIKDTMTILKAKGHTFPELREADAMFTADTAPNWAD
GRVCHRCRVEFTFTNRKHHCRNCGQVFCGQCTAKQCPLPKYGIEKEVRVCDGCFAALQRG
;
_entity_poly.pdbx_strand_id   A
#
# COMPACT_ATOMS: atom_id res chain seq x y z
N MET A 1 14.28 20.07 -15.37
CA MET A 1 13.86 20.77 -14.10
C MET A 1 12.49 20.28 -13.70
N PHE A 2 12.07 20.85 -11.73
CA PHE A 2 10.76 20.21 -11.76
C PHE A 2 10.05 20.55 -13.04
N ARG A 3 9.64 19.53 -13.78
CA ARG A 3 8.92 19.78 -15.01
C ARG A 3 7.53 19.18 -14.93
N SER A 4 7.43 17.85 -14.99
CA SER A 4 6.12 17.22 -14.90
C SER A 4 5.64 17.15 -13.46
N SER A 5 4.35 17.38 -13.28
CA SER A 5 3.69 17.33 -12.00
C SER A 5 4.02 16.00 -11.32
N PHE A 6 3.99 14.92 -12.09
CA PHE A 6 4.33 13.60 -11.58
C PHE A 6 5.69 13.61 -10.85
N CYS A 7 6.74 14.13 -11.52
CA CYS A 7 8.06 14.15 -10.92
C CYS A 7 8.09 14.96 -9.62
N LYS A 8 7.34 16.04 -9.54
CA LYS A 8 7.35 16.81 -8.31
C LYS A 8 6.66 16.00 -7.19
N ASN A 9 5.61 15.25 -7.56
CA ASN A 9 4.94 14.45 -6.56
C ASN A 9 5.85 13.29 -6.10
N LEU A 10 6.61 12.70 -7.02
CA LEU A 10 7.50 11.61 -6.63
C LEU A 10 8.63 12.14 -5.72
N GLU A 11 9.19 13.30 -6.08
CA GLU A 11 10.21 13.92 -5.23
C GLU A 11 9.61 14.08 -3.82
N ASN A 12 8.45 14.70 -3.75
CA ASN A 12 7.76 14.89 -2.47
C ASN A 12 7.58 13.59 -1.71
N ALA A 13 7.00 12.59 -2.37
CA ALA A 13 6.75 11.28 -1.76
C ALA A 13 8.01 10.47 -1.35
N THR A 14 9.13 10.69 -2.02
CA THR A 14 10.34 9.93 -1.64
C THR A 14 11.38 10.76 -0.89
N SER A 15 11.00 11.98 -0.53
CA SER A 15 11.85 12.88 0.21
C SER A 15 12.32 12.31 1.56
N HIS A 16 13.63 12.29 1.79
CA HIS A 16 14.15 11.75 3.03
C HIS A 16 13.70 12.55 4.26
N LEU A 17 13.17 13.76 4.04
CA LEU A 17 12.70 14.61 5.14
C LEU A 17 11.37 14.18 5.78
N ARG A 18 10.54 13.45 5.02
CA ARG A 18 9.26 12.99 5.54
C ARG A 18 9.51 11.92 6.59
N LEU A 19 8.77 11.99 7.70
CA LEU A 19 8.93 11.06 8.81
C LEU A 19 7.86 9.98 8.75
N GLU A 20 6.90 10.19 7.87
CA GLU A 20 5.82 9.25 7.66
C GLU A 20 5.48 9.44 6.20
N PRO A 21 4.86 8.41 5.58
CA PRO A 21 4.53 8.56 4.16
C PRO A 21 3.70 9.83 3.86
N ASP A 22 3.93 10.35 2.68
CA ASP A 22 3.21 11.49 2.17
C ASP A 22 2.10 10.90 1.26
N TRP A 23 1.04 10.41 1.92
CA TRP A 23 -0.09 9.81 1.22
C TRP A 23 -0.75 10.71 0.17
N PRO A 24 -0.92 11.98 0.48
CA PRO A 24 -1.52 12.88 -0.52
C PRO A 24 -0.77 12.86 -1.86
N SER A 25 0.56 12.89 -1.83
CA SER A 25 1.36 12.87 -3.09
C SER A 25 1.30 11.48 -3.72
N ILE A 26 1.25 10.45 -2.89
CA ILE A 26 1.19 9.11 -3.44
C ILE A 26 -0.16 8.84 -4.18
N LEU A 27 -1.25 9.33 -3.59
CA LEU A 27 -2.57 9.20 -4.15
C LEU A 27 -2.62 10.03 -5.47
N LEU A 28 -1.95 11.18 -5.47
CA LEU A 28 -1.87 12.03 -6.69
C LEU A 28 -1.13 11.23 -7.82
N ILE A 29 -0.05 10.54 -7.47
CA ILE A 29 0.70 9.73 -8.42
C ILE A 29 -0.24 8.66 -9.02
N CYS A 30 -0.98 7.94 -8.17
CA CYS A 30 -1.91 6.92 -8.68
C CYS A 30 -2.92 7.51 -9.66
N ASP A 31 -3.54 8.63 -9.31
CA ASP A 31 -4.49 9.29 -10.23
C ASP A 31 -3.81 9.70 -11.56
N GLU A 32 -2.60 10.30 -11.47
CA GLU A 32 -1.91 10.73 -12.70
C GLU A 32 -1.69 9.55 -13.64
N ILE A 33 -1.42 8.36 -13.12
CA ILE A 33 -1.22 7.20 -13.98
C ILE A 33 -2.57 6.72 -14.55
N ASN A 34 -3.53 6.62 -13.65
CA ASN A 34 -4.88 6.18 -14.02
C ASN A 34 -5.50 7.11 -15.07
N GLN A 35 -5.24 8.41 -14.96
CA GLN A 35 -5.80 9.36 -15.93
C GLN A 35 -4.94 9.60 -17.19
N LYS A 36 -3.85 8.85 -17.33
CA LYS A 36 -2.93 8.96 -18.46
C LYS A 36 -2.08 10.25 -18.52
N ASP A 37 -1.84 10.90 -17.39
CA ASP A 37 -1.00 12.09 -17.43
C ASP A 37 0.43 11.60 -17.65
N VAL A 38 0.70 10.40 -17.16
CA VAL A 38 2.02 9.81 -17.28
C VAL A 38 1.85 8.33 -17.55
N THR A 39 2.72 7.78 -18.42
CA THR A 39 2.65 6.38 -18.75
C THR A 39 3.21 5.47 -17.65
N PRO A 40 2.77 4.20 -17.64
CA PRO A 40 3.25 3.22 -16.66
C PRO A 40 4.77 3.04 -16.80
N LYS A 41 5.25 3.13 -18.03
CA LYS A 41 6.69 2.96 -18.27
C LYS A 41 7.50 4.09 -17.71
N ASN A 42 7.10 5.32 -18.00
CA ASN A 42 7.82 6.47 -17.50
C ASN A 42 7.74 6.53 -15.96
N ALA A 43 6.58 6.21 -15.41
CA ALA A 43 6.44 6.23 -13.96
C ALA A 43 7.35 5.21 -13.31
N PHE A 44 7.35 4.00 -13.84
CA PHE A 44 8.17 2.95 -13.26
C PHE A 44 9.67 3.19 -13.35
N ALA A 45 10.11 3.88 -14.41
CA ALA A 45 11.53 4.19 -14.61
C ALA A 45 11.94 5.26 -13.62
N ALA A 46 11.09 6.24 -13.44
CA ALA A 46 11.37 7.30 -12.49
C ALA A 46 11.38 6.64 -11.08
N ILE A 47 10.48 5.68 -10.86
CA ILE A 47 10.44 5.00 -9.57
C ILE A 47 11.74 4.22 -9.35
N LYS A 48 12.19 3.54 -10.39
CA LYS A 48 13.43 2.77 -10.24
C LYS A 48 14.59 3.67 -9.79
N LYS A 49 14.74 4.83 -10.41
CA LYS A 49 15.82 5.73 -10.00
C LYS A 49 15.76 6.08 -8.53
N LYS A 50 14.55 6.26 -8.01
CA LYS A 50 14.36 6.59 -6.61
C LYS A 50 14.66 5.36 -5.75
N MET A 51 14.40 4.17 -6.29
CA MET A 51 14.71 2.95 -5.57
C MET A 51 16.22 2.94 -5.33
N ASN A 52 16.97 3.41 -6.33
CA ASN A 52 18.43 3.46 -6.24
C ASN A 52 18.98 4.70 -5.56
N SER A 53 18.15 5.36 -4.75
CA SER A 53 18.60 6.54 -4.03
C SER A 53 19.55 6.07 -2.93
N PRO A 54 20.64 6.81 -2.70
CA PRO A 54 21.60 6.44 -1.66
C PRO A 54 21.02 6.59 -0.27
N ASN A 55 19.90 7.28 -0.17
CA ASN A 55 19.31 7.47 1.15
C ASN A 55 18.42 6.28 1.44
N PRO A 56 18.51 5.70 2.65
CA PRO A 56 17.70 4.53 3.01
C PRO A 56 16.20 4.83 3.10
N HIS A 57 15.87 6.04 3.55
CA HIS A 57 14.47 6.46 3.67
C HIS A 57 13.84 6.74 2.29
N SER A 58 14.53 7.51 1.44
CA SER A 58 14.05 7.77 0.10
C SER A 58 13.87 6.45 -0.68
N SER A 59 14.86 5.56 -0.53
CA SER A 59 14.83 4.29 -1.23
C SER A 59 13.66 3.44 -0.77
N CYS A 60 13.40 3.39 0.52
CA CYS A 60 12.31 2.58 1.01
C CYS A 60 10.97 3.21 0.68
N TYR A 61 10.90 4.54 0.69
CA TYR A 61 9.68 5.24 0.36
C TYR A 61 9.29 4.96 -1.10
N SER A 62 10.28 4.94 -2.00
CA SER A 62 9.98 4.68 -3.41
C SER A 62 9.37 3.28 -3.55
N LEU A 63 9.70 2.36 -2.65
CA LEU A 63 9.12 1.02 -2.66
C LEU A 63 7.64 1.11 -2.28
N LEU A 64 7.33 2.02 -1.35
CA LEU A 64 5.96 2.26 -0.93
C LEU A 64 5.19 2.84 -2.14
N VAL A 65 5.80 3.76 -2.87
CA VAL A 65 5.14 4.33 -4.04
C VAL A 65 4.82 3.17 -5.00
N LEU A 66 5.79 2.30 -5.19
CA LEU A 66 5.63 1.15 -6.07
C LEU A 66 4.49 0.22 -5.63
N GLU A 67 4.42 -0.07 -4.33
CA GLU A 67 3.36 -0.92 -3.81
C GLU A 67 1.98 -0.33 -4.15
N SER A 68 1.89 0.99 -4.02
CA SER A 68 0.67 1.72 -4.26
C SER A 68 0.19 1.75 -5.70
N ILE A 69 1.09 1.93 -6.66
CA ILE A 69 0.59 1.96 -8.04
C ILE A 69 0.23 0.54 -8.51
N VAL A 70 0.92 -0.46 -7.98
CA VAL A 70 0.63 -1.82 -8.37
C VAL A 70 -0.73 -2.10 -7.81
N LYS A 71 -0.96 -1.64 -6.60
CA LYS A 71 -2.25 -1.88 -6.00
C LYS A 71 -3.42 -1.01 -6.55
N ASN A 72 -3.14 0.25 -6.89
CA ASN A 72 -4.18 1.17 -7.33
C ASN A 72 -4.27 1.49 -8.81
N CYS A 73 -3.37 0.96 -9.63
CA CYS A 73 -3.40 1.31 -11.04
C CYS A 73 -3.65 0.21 -12.10
N GLY A 74 -4.00 -0.99 -11.63
CA GLY A 74 -4.34 -2.12 -12.49
C GLY A 74 -3.36 -2.71 -13.51
N ALA A 75 -3.93 -3.36 -14.52
CA ALA A 75 -3.13 -4.02 -15.55
C ALA A 75 -2.11 -3.15 -16.25
N PRO A 76 -2.44 -1.89 -16.57
CA PRO A 76 -1.40 -1.11 -17.25
C PRO A 76 -0.05 -1.11 -16.49
N VAL A 77 -0.14 -1.07 -15.15
CA VAL A 77 1.04 -1.07 -14.31
C VAL A 77 1.57 -2.50 -14.11
N HIS A 78 0.67 -3.45 -13.91
CA HIS A 78 1.06 -4.83 -13.68
C HIS A 78 1.88 -5.39 -14.84
N GLU A 79 1.51 -5.03 -16.04
CA GLU A 79 2.22 -5.53 -17.21
C GLU A 79 3.57 -4.86 -17.36
N GLU A 80 3.66 -3.59 -17.00
CA GLU A 80 4.91 -2.86 -17.11
C GLU A 80 5.88 -3.39 -16.08
N VAL A 81 5.35 -3.66 -14.89
CA VAL A 81 6.15 -4.10 -13.76
C VAL A 81 6.60 -5.58 -13.63
N PHE A 82 5.66 -6.52 -13.67
CA PHE A 82 5.95 -7.93 -13.49
C PHE A 82 6.42 -8.68 -14.73
N THR A 83 7.63 -8.36 -15.15
CA THR A 83 8.21 -9.04 -16.27
C THR A 83 9.38 -9.82 -15.69
N LYS A 84 9.94 -10.67 -16.54
CA LYS A 84 11.07 -11.49 -16.18
C LYS A 84 12.22 -10.64 -15.66
N GLU A 85 12.67 -9.68 -16.47
CA GLU A 85 13.78 -8.86 -16.04
C GLU A 85 13.47 -8.14 -14.74
N ASN A 86 12.37 -7.38 -14.69
CA ASN A 86 12.02 -6.66 -13.48
C ASN A 86 11.99 -7.50 -12.21
N CYS A 87 11.49 -8.73 -12.30
CA CYS A 87 11.43 -9.57 -11.11
C CYS A 87 12.82 -9.99 -10.72
N GLU A 88 13.68 -10.17 -11.71
CA GLU A 88 15.06 -10.56 -11.47
C GLU A 88 15.80 -9.36 -10.90
N MET A 89 15.47 -8.18 -11.43
CA MET A 89 16.06 -6.92 -10.97
C MET A 89 15.68 -6.77 -9.50
N PHE A 90 14.41 -6.99 -9.20
CA PHE A 90 13.96 -6.86 -7.84
C PHE A 90 14.83 -7.72 -6.99
N SER A 91 15.20 -8.86 -7.54
CA SER A 91 16.02 -9.78 -6.79
C SER A 91 17.41 -9.25 -6.52
N SER A 92 18.13 -8.87 -7.58
CA SER A 92 19.48 -8.38 -7.37
C SER A 92 19.46 -7.13 -6.53
N PHE A 93 18.42 -6.34 -6.70
CA PHE A 93 18.28 -5.11 -5.95
C PHE A 93 18.28 -5.37 -4.46
N LEU A 94 17.38 -6.24 -4.00
CA LEU A 94 17.28 -6.51 -2.58
C LEU A 94 18.51 -7.24 -2.05
N GLU A 95 19.18 -7.97 -2.93
CA GLU A 95 20.35 -8.72 -2.52
C GLU A 95 21.61 -7.88 -2.35
N SER A 96 21.67 -6.74 -3.05
CA SER A 96 22.84 -5.89 -2.96
C SER A 96 22.66 -4.53 -2.29
N THR A 97 21.46 -4.19 -1.82
CA THR A 97 21.27 -2.89 -1.17
C THR A 97 21.92 -2.84 0.21
N PRO A 98 22.61 -1.73 0.52
CA PRO A 98 23.28 -1.55 1.82
C PRO A 98 22.29 -1.43 2.97
N HIS A 99 21.04 -1.11 2.65
CA HIS A 99 20.04 -0.94 3.69
C HIS A 99 19.13 -2.14 3.80
N GLU A 100 19.13 -2.71 5.01
CA GLU A 100 18.34 -3.89 5.32
C GLU A 100 16.85 -3.55 5.28
N ASN A 101 16.50 -2.34 5.76
CA ASN A 101 15.11 -1.89 5.77
C ASN A 101 14.56 -1.95 4.32
N VAL A 102 15.42 -1.64 3.37
CA VAL A 102 15.07 -1.66 1.96
C VAL A 102 14.87 -3.11 1.48
N ARG A 103 15.80 -3.98 1.89
CA ARG A 103 15.76 -5.39 1.52
C ARG A 103 14.52 -6.12 2.08
N GLN A 104 14.18 -5.79 3.33
CA GLN A 104 13.02 -6.38 4.01
C GLN A 104 11.73 -5.96 3.31
N LYS A 105 11.64 -4.69 2.92
CA LYS A 105 10.44 -4.21 2.27
C LYS A 105 10.26 -4.86 0.92
N MET A 106 11.36 -5.07 0.20
CA MET A 106 11.27 -5.69 -1.11
C MET A 106 10.86 -7.16 -1.01
N LEU A 107 11.37 -7.84 0.02
CA LEU A 107 11.07 -9.24 0.26
C LEU A 107 9.58 -9.38 0.54
N GLU A 108 9.06 -8.47 1.37
CA GLU A 108 7.64 -8.45 1.69
C GLU A 108 6.77 -8.24 0.41
N LEU A 109 7.16 -7.29 -0.44
CA LEU A 109 6.41 -6.99 -1.67
C LEU A 109 6.41 -8.17 -2.61
N VAL A 110 7.56 -8.79 -2.80
CA VAL A 110 7.66 -9.96 -3.67
C VAL A 110 6.63 -11.03 -3.25
N GLN A 111 6.55 -11.30 -1.95
CA GLN A 111 5.65 -12.29 -1.37
C GLN A 111 4.20 -11.83 -1.45
N THR A 112 3.98 -10.54 -1.14
CA THR A 112 2.62 -10.01 -1.23
C THR A 112 2.16 -10.19 -2.66
N TRP A 113 3.03 -9.83 -3.59
CA TRP A 113 2.67 -9.93 -4.99
C TRP A 113 2.51 -11.38 -5.45
N ALA A 114 3.32 -12.28 -4.89
CA ALA A 114 3.21 -13.68 -5.26
C ALA A 114 1.81 -14.17 -4.89
N TYR A 115 1.34 -13.86 -3.69
CA TYR A 115 0.00 -14.29 -3.31
C TYR A 115 -1.13 -13.49 -3.97
N ALA A 116 -0.90 -12.20 -4.20
CA ALA A 116 -1.91 -11.37 -4.85
C ALA A 116 -2.24 -11.89 -6.25
N PHE A 117 -1.24 -12.12 -7.09
CA PHE A 117 -1.51 -12.62 -8.44
C PHE A 117 -1.43 -14.15 -8.55
N ARG A 118 -1.67 -14.85 -7.45
CA ARG A 118 -1.58 -16.30 -7.43
C ARG A 118 -2.48 -17.01 -8.45
N SER A 119 -3.65 -16.45 -8.74
CA SER A 119 -4.59 -17.06 -9.68
C SER A 119 -4.64 -16.38 -11.05
N SER A 120 -3.61 -15.61 -11.34
CA SER A 120 -3.49 -14.89 -12.59
C SER A 120 -2.52 -15.58 -13.55
N ASP A 121 -2.97 -15.77 -14.78
CA ASP A 121 -2.16 -16.39 -15.82
C ASP A 121 -0.96 -15.49 -16.15
N LYS A 122 -1.26 -14.26 -16.56
CA LYS A 122 -0.22 -13.29 -16.91
C LYS A 122 0.99 -13.19 -15.96
N TYR A 123 0.77 -13.23 -14.64
CA TYR A 123 1.89 -13.09 -13.71
C TYR A 123 2.26 -14.37 -12.97
N GLN A 124 3.57 -14.58 -12.77
CA GLN A 124 4.10 -15.76 -12.08
C GLN A 124 5.63 -15.71 -11.92
N ALA A 125 6.27 -14.85 -12.71
CA ALA A 125 7.71 -14.63 -12.64
C ALA A 125 8.02 -14.18 -11.23
N ILE A 126 6.96 -13.68 -10.56
CA ILE A 126 7.06 -13.23 -9.19
C ILE A 126 7.10 -14.44 -8.29
N LYS A 127 6.14 -15.37 -8.47
CA LYS A 127 6.08 -16.59 -7.65
C LYS A 127 7.38 -17.37 -7.68
N ASP A 128 8.02 -17.37 -8.85
CA ASP A 128 9.29 -18.09 -9.02
C ASP A 128 10.47 -17.36 -8.41
N THR A 129 10.49 -16.03 -8.52
CA THR A 129 11.55 -15.24 -7.95
C THR A 129 11.54 -15.52 -6.46
N MET A 130 10.37 -15.76 -5.90
CA MET A 130 10.34 -16.05 -4.48
C MET A 130 10.90 -17.45 -4.27
N THR A 131 10.57 -18.36 -5.18
CA THR A 131 11.05 -19.74 -5.09
C THR A 131 12.57 -19.68 -4.92
N ILE A 132 13.21 -19.02 -5.87
CA ILE A 132 14.64 -18.86 -5.89
C ILE A 132 15.21 -18.13 -4.68
N LEU A 133 14.49 -17.12 -4.19
CA LEU A 133 14.94 -16.37 -3.03
C LEU A 133 14.74 -17.20 -1.77
N LYS A 134 13.67 -17.98 -1.72
CA LYS A 134 13.42 -18.81 -0.54
C LYS A 134 14.34 -20.01 -0.61
N ALA A 135 14.81 -20.29 -1.83
CA ALA A 135 15.72 -21.40 -2.07
C ALA A 135 17.17 -20.94 -1.90
N LYS A 136 17.41 -19.65 -2.12
CA LYS A 136 18.75 -19.06 -1.99
C LYS A 136 19.12 -18.75 -0.54
N GLY A 137 18.22 -19.01 0.40
CA GLY A 137 18.56 -18.74 1.80
C GLY A 137 17.84 -17.57 2.43
N HIS A 138 17.22 -16.71 1.60
CA HIS A 138 16.49 -15.55 2.10
C HIS A 138 15.25 -15.97 2.88
N THR A 139 15.03 -15.32 4.02
CA THR A 139 13.87 -15.57 4.90
C THR A 139 12.82 -14.49 4.60
N PHE A 140 11.55 -14.88 4.42
CA PHE A 140 10.52 -13.90 4.12
C PHE A 140 9.72 -13.49 5.35
N PRO A 141 9.23 -12.22 5.37
CA PRO A 141 8.44 -11.67 6.48
C PRO A 141 7.18 -12.47 6.72
N GLU A 142 6.46 -12.12 7.76
CA GLU A 142 5.23 -12.81 8.08
C GLU A 142 4.13 -12.41 7.13
N LEU A 143 3.40 -13.41 6.65
CA LEU A 143 2.32 -13.19 5.71
C LEU A 143 1.14 -12.54 6.40
N ARG A 144 0.46 -11.65 5.69
CA ARG A 144 -0.70 -10.96 6.24
C ARG A 144 -1.98 -11.30 5.46
N GLU A 145 -1.85 -11.51 4.14
CA GLU A 145 -3.01 -11.83 3.29
C GLU A 145 -2.99 -13.28 2.82
N MET A 149 -5.62 -11.78 -4.10
CA MET A 149 -5.32 -10.47 -4.65
C MET A 149 -5.46 -9.38 -3.57
N PHE A 150 -5.23 -8.13 -3.96
CA PHE A 150 -5.36 -7.01 -3.05
C PHE A 150 -6.40 -6.02 -3.61
N THR A 151 -7.02 -5.26 -2.70
CA THR A 151 -8.03 -4.28 -3.07
C THR A 151 -7.39 -2.89 -2.98
N ALA A 152 -7.71 -2.04 -3.96
CA ALA A 152 -7.18 -0.68 -3.98
C ALA A 152 -7.41 0.07 -2.67
N ASP A 153 -6.67 1.18 -2.52
CA ASP A 153 -6.80 2.07 -1.37
C ASP A 153 -8.15 2.79 -1.55
N THR A 154 -9.20 2.30 -0.93
CA THR A 154 -10.51 2.97 -1.02
C THR A 154 -11.32 2.54 0.18
N ALA A 155 -12.00 3.51 0.78
CA ALA A 155 -12.84 3.26 1.97
C ALA A 155 -13.93 2.22 1.70
N PRO A 156 -14.02 1.20 2.57
CA PRO A 156 -15.04 0.15 2.40
C PRO A 156 -16.44 0.79 2.39
N ASN A 157 -17.44 0.09 1.83
CA ASN A 157 -18.80 0.60 1.82
C ASN A 157 -19.27 0.53 3.28
N TRP A 158 -20.36 1.24 3.55
CA TRP A 158 -20.93 1.35 4.89
C TRP A 158 -22.16 0.53 5.09
N ALA A 159 -22.02 -0.51 5.92
CA ALA A 159 -23.10 -1.44 6.21
C ALA A 159 -24.07 -0.78 7.16
N ASP A 160 -25.18 -1.48 7.39
CA ASP A 160 -26.23 -1.05 8.30
C ASP A 160 -26.42 -2.27 9.17
N GLY A 161 -27.38 -2.22 10.10
CA GLY A 161 -27.60 -3.34 11.00
C GLY A 161 -28.40 -2.83 12.20
N ARG A 162 -28.95 -3.73 13.00
CA ARG A 162 -29.77 -3.29 14.11
C ARG A 162 -29.07 -3.44 15.46
N VAL A 163 -27.87 -4.02 15.44
CA VAL A 163 -27.10 -4.17 16.65
C VAL A 163 -25.69 -3.70 16.38
N CYS A 164 -25.01 -3.26 17.43
CA CYS A 164 -23.61 -2.82 17.26
C CYS A 164 -22.73 -4.01 16.83
N HIS A 165 -21.97 -3.90 15.71
CA HIS A 165 -21.17 -5.01 15.20
C HIS A 165 -20.24 -5.67 16.25
N ARG A 166 -19.66 -4.85 17.11
CA ARG A 166 -18.75 -5.39 18.09
C ARG A 166 -19.37 -5.97 19.34
N CYS A 167 -20.14 -5.15 20.06
CA CYS A 167 -20.67 -5.64 21.34
C CYS A 167 -22.07 -6.23 21.26
N ARG A 168 -22.73 -6.04 20.13
CA ARG A 168 -24.07 -6.52 19.86
C ARG A 168 -25.18 -5.79 20.61
N VAL A 169 -24.89 -4.66 21.23
CA VAL A 169 -26.00 -3.97 21.93
C VAL A 169 -27.06 -3.54 20.87
N GLU A 170 -28.33 -3.55 21.23
CA GLU A 170 -29.36 -3.17 20.25
C GLU A 170 -29.47 -1.67 20.18
N PHE A 171 -29.43 -1.14 18.94
CA PHE A 171 -29.53 0.30 18.81
C PHE A 171 -30.92 0.73 19.22
N THR A 172 -31.04 1.92 19.80
CA THR A 172 -32.32 2.52 20.17
C THR A 172 -32.34 3.87 19.48
N PHE A 173 -33.35 4.69 19.73
CA PHE A 173 -33.35 6.01 19.12
C PHE A 173 -32.35 6.90 19.83
N THR A 174 -32.01 6.56 21.05
CA THR A 174 -31.00 7.33 21.79
C THR A 174 -29.56 6.72 21.69
N ASN A 175 -29.44 5.41 21.63
CA ASN A 175 -28.16 4.70 21.51
C ASN A 175 -28.09 4.32 20.04
N ARG A 176 -27.84 5.31 19.18
CA ARG A 176 -27.85 5.16 17.74
C ARG A 176 -26.54 4.67 17.09
N LYS A 177 -26.65 4.33 15.82
CA LYS A 177 -25.52 3.82 15.08
C LYS A 177 -24.54 4.87 14.62
N HIS A 178 -23.33 4.41 14.38
CA HIS A 178 -22.26 5.26 13.91
C HIS A 178 -21.43 4.35 13.03
N HIS A 179 -20.91 4.85 11.89
CA HIS A 179 -20.06 3.98 11.10
C HIS A 179 -18.57 4.20 11.42
N CYS A 180 -17.83 3.10 11.41
CA CYS A 180 -16.39 3.13 11.55
C CYS A 180 -15.92 3.53 10.12
N ARG A 181 -15.08 4.52 10.02
CA ARG A 181 -14.59 4.91 8.69
C ARG A 181 -13.53 3.95 8.12
N ASN A 182 -12.95 3.04 8.92
CA ASN A 182 -11.99 2.08 8.39
C ASN A 182 -12.65 0.81 7.84
N CYS A 183 -13.65 0.25 8.53
CA CYS A 183 -14.24 -1.01 8.00
C CYS A 183 -15.66 -0.84 7.49
N GLY A 184 -16.26 0.33 7.73
CA GLY A 184 -17.61 0.56 7.24
C GLY A 184 -18.76 -0.06 8.03
N GLN A 185 -18.47 -0.84 9.09
CA GLN A 185 -19.57 -1.43 9.90
C GLN A 185 -20.20 -0.36 10.80
N VAL A 186 -21.36 -0.69 11.40
CA VAL A 186 -22.09 0.21 12.30
C VAL A 186 -21.81 -0.35 13.68
N PHE A 187 -21.63 0.57 14.63
CA PHE A 187 -21.31 0.32 16.03
C PHE A 187 -21.99 1.38 16.90
N CYS A 188 -22.06 1.08 18.20
CA CYS A 188 -22.59 2.00 19.19
C CYS A 188 -21.43 3.04 19.41
N GLY A 189 -21.76 4.13 20.05
CA GLY A 189 -20.81 5.19 20.32
C GLY A 189 -19.67 4.70 21.23
N GLN A 190 -19.95 3.86 22.24
CA GLN A 190 -18.88 3.38 23.09
C GLN A 190 -17.94 2.42 22.40
N CYS A 191 -18.35 1.76 21.31
CA CYS A 191 -17.36 0.94 20.60
C CYS A 191 -16.61 1.71 19.49
N THR A 192 -16.92 3.00 19.31
CA THR A 192 -16.28 3.86 18.30
C THR A 192 -16.00 5.24 18.92
N ALA A 193 -15.48 5.23 20.14
CA ALA A 193 -15.21 6.50 20.84
C ALA A 193 -13.78 7.04 20.54
N LYS A 194 -12.98 6.28 19.82
CA LYS A 194 -11.63 6.71 19.45
C LYS A 194 -11.61 7.11 17.97
N GLN A 195 -10.58 7.84 17.61
CA GLN A 195 -10.44 8.30 16.25
C GLN A 195 -8.99 8.34 15.89
N CYS A 196 -8.74 8.43 14.59
CA CYS A 196 -7.40 8.49 14.03
C CYS A 196 -7.48 8.78 12.55
N PRO A 197 -6.35 9.21 11.96
CA PRO A 197 -6.43 9.50 10.53
C PRO A 197 -6.36 8.23 9.69
N LEU A 198 -6.82 8.30 8.45
CA LEU A 198 -6.76 7.12 7.58
C LEU A 198 -6.21 7.71 6.31
N PRO A 199 -4.94 8.11 6.40
CA PRO A 199 -4.31 8.72 5.24
C PRO A 199 -4.29 7.87 3.96
N LYS A 200 -4.35 6.55 4.10
CA LYS A 200 -4.34 5.72 2.89
C LYS A 200 -5.63 5.81 2.11
N TYR A 201 -6.68 6.28 2.77
CA TYR A 201 -7.95 6.48 2.11
C TYR A 201 -8.12 7.95 1.76
N GLY A 202 -7.04 8.75 1.89
CA GLY A 202 -7.09 10.17 1.58
C GLY A 202 -7.69 10.96 2.72
N ILE A 203 -7.76 10.36 3.91
CA ILE A 203 -8.36 11.10 5.02
C ILE A 203 -7.25 11.48 6.02
N GLU A 204 -6.83 12.73 6.03
CA GLU A 204 -5.73 13.15 6.92
C GLU A 204 -6.21 13.50 8.33
N LYS A 205 -7.41 14.03 8.45
CA LYS A 205 -7.96 14.35 9.76
C LYS A 205 -8.34 13.07 10.53
N GLU A 206 -8.39 13.15 11.85
CA GLU A 206 -8.74 12.02 12.68
C GLU A 206 -10.26 11.84 12.58
N VAL A 207 -10.68 10.62 12.21
CA VAL A 207 -12.09 10.33 12.06
C VAL A 207 -12.47 9.14 13.00
N ARG A 208 -13.78 8.93 13.19
CA ARG A 208 -14.27 7.86 14.06
C ARG A 208 -13.89 6.44 13.54
N VAL A 209 -13.33 5.56 14.41
CA VAL A 209 -13.03 4.18 14.04
C VAL A 209 -13.52 3.23 15.19
N CYS A 210 -13.77 1.97 14.89
CA CYS A 210 -14.17 1.01 15.90
C CYS A 210 -12.88 0.50 16.64
N ASP A 211 -13.11 -0.15 17.77
CA ASP A 211 -12.03 -0.68 18.59
C ASP A 211 -11.19 -1.69 17.85
N GLY A 212 -11.80 -2.63 17.16
CA GLY A 212 -11.03 -3.60 16.40
C GLY A 212 -10.09 -2.95 15.39
N CYS A 213 -10.60 -1.97 14.63
CA CYS A 213 -9.79 -1.23 13.62
C CYS A 213 -8.72 -0.37 14.28
N PHE A 214 -9.06 0.32 15.35
CA PHE A 214 -8.07 1.14 16.04
C PHE A 214 -6.90 0.26 16.52
N ALA A 215 -7.20 -0.99 16.87
CA ALA A 215 -6.14 -1.88 17.35
C ALA A 215 -5.29 -2.35 16.17
N ALA A 216 -5.96 -2.73 15.08
CA ALA A 216 -5.32 -3.24 13.87
C ALA A 216 -4.46 -2.20 13.18
N LEU A 217 -4.95 -0.95 13.19
CA LEU A 217 -4.26 0.19 12.60
C LEU A 217 -3.03 0.54 13.45
N GLN A 218 -3.16 0.31 14.75
CA GLN A 218 -2.10 0.60 15.70
C GLN A 218 -0.92 -0.37 15.40
N ARG A 219 -1.23 -1.60 14.97
CA ARG A 219 -0.22 -2.62 14.61
C ARG A 219 0.39 -2.35 13.23
N GLY A 220 -0.25 -2.89 12.19
CA GLY A 220 0.22 -2.70 10.83
C GLY A 220 0.55 -1.25 10.52
#